data_4QDY
#
_entry.id   4QDY
#
_cell.length_a   77.930
_cell.length_b   77.930
_cell.length_c   145.240
_cell.angle_alpha   90.000
_cell.angle_beta   90.000
_cell.angle_gamma   120.000
#
_symmetry.space_group_name_H-M   'P 64 2 2'
#
loop_
_entity.id
_entity.type
_entity.pdbx_description
1 polymer 'conserved hypothetical protein'
2 non-polymer DI(HYDROXYETHYL)ETHER
3 non-polymer 'SULFATE ION'
4 water water
#
_entity_poly.entity_id   1
_entity_poly.type   'polypeptide(L)'
_entity_poly.pdbx_seq_one_letter_code
;GRQVKTETYTNTVTNVPIDIRYNSDKYFISGFASEVSVVLTGANRLSLASE(MSE)QESTRKFKVTADLTDAGVGTIEVP
LSIEDLPNGLTAVATPQKITVKIGKKAQKDKVKIVPEIDPSQIDSRVQIENV(MSE)VSDKEVSITSDQETLDRIDKIIA
VLPTSERITGNYSGSVPLQAIDRNGVVLPAVITPFDTI(MSE)KVTTKPVAPSSSTSNSSTSSSSETSSSTKATSSKTN
;
_entity_poly.pdbx_strand_id   A
#
loop_
_chem_comp.id
_chem_comp.type
_chem_comp.name
_chem_comp.formula
PEG non-polymer DI(HYDROXYETHYL)ETHER 'C4 H10 O3'
SO4 non-polymer 'SULFATE ION' 'O4 S -2'
#
# COMPACT_ATOMS: atom_id res chain seq x y z
N GLY A 1 33.57 13.64 -36.44
CA GLY A 1 33.27 15.01 -36.85
C GLY A 1 31.83 15.42 -36.58
N ARG A 2 30.88 14.65 -37.14
CA ARG A 2 29.43 14.90 -37.00
C ARG A 2 28.85 14.08 -35.81
N GLN A 3 27.54 13.78 -35.86
CA GLN A 3 26.83 13.01 -34.83
C GLN A 3 26.94 11.51 -35.14
N VAL A 4 27.70 10.78 -34.30
CA VAL A 4 27.98 9.34 -34.45
C VAL A 4 27.13 8.54 -33.46
N LYS A 5 26.58 7.40 -33.91
CA LYS A 5 25.79 6.49 -33.08
C LYS A 5 26.74 5.68 -32.19
N THR A 6 26.54 5.72 -30.86
CA THR A 6 27.40 5.01 -29.91
C THR A 6 26.55 3.92 -29.18
N GLU A 7 27.24 2.87 -28.71
CA GLU A 7 26.62 1.73 -28.04
C GLU A 7 26.56 1.93 -26.52
N THR A 8 25.34 1.95 -25.97
CA THR A 8 25.08 2.08 -24.53
C THR A 8 24.07 0.99 -24.13
N TYR A 9 24.00 0.69 -22.83
CA TYR A 9 23.09 -0.34 -22.30
C TYR A 9 22.00 0.30 -21.44
N THR A 10 20.87 -0.40 -21.30
CA THR A 10 19.73 0.08 -20.51
C THR A 10 19.07 -1.08 -19.74
N ASN A 11 18.37 -0.75 -18.64
CA ASN A 11 17.63 -1.67 -17.78
C ASN A 11 16.58 -0.91 -17.01
N THR A 12 15.36 -1.43 -16.99
CA THR A 12 14.26 -0.82 -16.23
C THR A 12 14.20 -1.54 -14.89
N VAL A 13 14.54 -0.85 -13.81
CA VAL A 13 14.53 -1.39 -12.46
C VAL A 13 13.09 -1.28 -11.93
N THR A 14 12.43 -2.41 -11.68
CA THR A 14 11.05 -2.43 -11.17
C THR A 14 11.05 -2.55 -9.64
N ASN A 15 9.90 -2.23 -9.01
CA ASN A 15 9.64 -2.29 -7.57
C ASN A 15 10.57 -1.33 -6.81
N VAL A 16 10.64 -0.06 -7.26
CA VAL A 16 11.49 0.95 -6.61
C VAL A 16 10.61 1.78 -5.66
N PRO A 17 10.79 1.67 -4.32
CA PRO A 17 9.93 2.44 -3.41
C PRO A 17 10.34 3.92 -3.35
N ILE A 18 9.35 4.81 -3.14
CA ILE A 18 9.53 6.26 -3.07
C ILE A 18 9.74 6.68 -1.62
N ASP A 19 10.79 7.48 -1.35
CA ASP A 19 11.06 7.99 -0.01
C ASP A 19 10.43 9.38 0.10
N ILE A 20 9.19 9.42 0.58
CA ILE A 20 8.40 10.64 0.68
C ILE A 20 8.65 11.31 2.04
N ARG A 21 9.12 12.56 2.01
CA ARG A 21 9.37 13.38 3.20
C ARG A 21 8.15 14.26 3.46
N TYR A 22 7.57 14.12 4.67
CA TYR A 22 6.40 14.86 5.14
C TYR A 22 6.19 14.63 6.64
N ASN A 23 5.48 15.55 7.32
CA ASN A 23 5.17 15.42 8.74
C ASN A 23 4.00 14.45 8.88
N SER A 24 4.32 13.16 9.14
CA SER A 24 3.35 12.07 9.26
C SER A 24 2.53 12.17 10.57
N ASP A 25 2.85 13.10 11.48
CA ASP A 25 2.11 13.29 12.74
C ASP A 25 1.05 14.40 12.60
N LYS A 26 1.20 15.28 11.58
CA LYS A 26 0.27 16.38 11.34
C LYS A 26 -0.57 16.11 10.10
N TYR A 27 -0.01 15.41 9.08
CA TYR A 27 -0.72 15.14 7.84
C TYR A 27 -0.82 13.64 7.51
N PHE A 28 -1.90 13.29 6.79
CA PHE A 28 -2.18 11.95 6.27
C PHE A 28 -2.17 12.04 4.75
N ILE A 29 -1.43 11.14 4.07
CA ILE A 29 -1.32 11.20 2.61
C ILE A 29 -1.82 9.87 1.97
N SER A 30 -2.35 9.97 0.74
CA SER A 30 -2.89 8.86 -0.07
C SER A 30 -3.09 9.28 -1.54
N GLY A 31 -3.44 8.31 -2.40
CA GLY A 31 -3.74 8.54 -3.80
C GLY A 31 -2.61 8.43 -4.81
N PHE A 32 -1.56 7.67 -4.47
CA PHE A 32 -0.38 7.45 -5.32
C PHE A 32 0.09 6.00 -5.24
N ALA A 33 0.84 5.54 -6.26
CA ALA A 33 1.41 4.20 -6.28
C ALA A 33 2.68 4.18 -5.45
N SER A 34 2.72 3.30 -4.42
CA SER A 34 3.81 3.12 -3.46
C SER A 34 5.19 2.94 -4.13
N GLU A 35 5.24 2.21 -5.26
CA GLU A 35 6.49 1.92 -5.96
C GLU A 35 6.44 2.39 -7.42
N VAL A 36 7.63 2.69 -7.96
CA VAL A 36 7.84 3.15 -9.34
C VAL A 36 8.88 2.26 -10.05
N SER A 37 9.11 2.52 -11.34
CA SER A 37 10.13 1.87 -12.15
C SER A 37 11.16 2.93 -12.54
N VAL A 38 12.45 2.55 -12.57
CA VAL A 38 13.51 3.50 -12.90
C VAL A 38 14.25 2.97 -14.13
N VAL A 39 14.28 3.80 -15.19
CA VAL A 39 14.98 3.45 -16.42
C VAL A 39 16.43 3.91 -16.28
N LEU A 40 17.36 2.96 -16.19
CA LEU A 40 18.79 3.26 -16.06
C LEU A 40 19.47 3.12 -17.43
N THR A 41 20.42 4.03 -17.74
CA THR A 41 21.18 4.01 -19.00
C THR A 41 22.65 4.35 -18.70
N GLY A 42 23.55 3.55 -19.27
CA GLY A 42 24.99 3.73 -19.11
C GLY A 42 25.82 2.73 -19.88
N ALA A 43 27.05 3.12 -20.23
CA ALA A 43 28.01 2.29 -20.97
C ALA A 43 28.63 1.21 -20.07
N ASN A 44 28.73 1.49 -18.76
CA ASN A 44 29.29 0.57 -17.76
C ASN A 44 28.19 -0.40 -17.32
N ARG A 45 28.27 -1.65 -17.81
CA ARG A 45 27.32 -2.74 -17.54
C ARG A 45 27.37 -3.19 -16.09
N LEU A 46 28.57 -3.17 -15.49
CA LEU A 46 28.84 -3.59 -14.11
C LEU A 46 28.14 -2.68 -13.10
N SER A 47 28.24 -1.34 -13.27
CA SER A 47 27.58 -0.37 -12.38
C SER A 47 26.07 -0.44 -12.54
N LEU A 48 25.61 -0.70 -13.78
CA LEU A 48 24.22 -0.85 -14.16
C LEU A 48 23.60 -2.08 -13.47
N ALA A 49 24.36 -3.20 -13.43
CA ALA A 49 23.97 -4.46 -12.82
C ALA A 49 23.87 -4.34 -11.30
N SER A 50 24.87 -3.69 -10.64
CA SER A 50 24.90 -3.51 -9.19
C SER A 50 23.81 -2.55 -8.72
N GLU A 51 23.40 -1.62 -9.58
CA GLU A 51 22.39 -0.61 -9.26
C GLU A 51 20.98 -1.20 -9.47
N MSE A 52 20.87 -2.28 -10.25
CA MSE A 52 19.64 -3.02 -10.53
C MSE A 52 19.35 -3.95 -9.35
O MSE A 52 18.20 -4.10 -8.95
CB MSE A 52 19.79 -3.77 -11.86
CG MSE A 52 18.54 -4.52 -12.31
SE MSE A 52 18.77 -5.25 -14.11
CE MSE A 52 20.36 -6.41 -13.83
N GLN A 53 20.42 -4.55 -8.78
CA GLN A 53 20.38 -5.44 -7.61
C GLN A 53 20.09 -4.59 -6.37
N GLU A 54 19.03 -4.94 -5.62
CA GLU A 54 18.55 -4.27 -4.41
C GLU A 54 19.66 -4.24 -3.32
N SER A 55 20.43 -5.33 -3.19
CA SER A 55 21.50 -5.50 -2.22
C SER A 55 22.60 -4.42 -2.37
N THR A 56 23.09 -4.19 -3.60
CA THR A 56 24.18 -3.25 -3.88
C THR A 56 23.66 -1.94 -4.51
N ARG A 57 22.36 -1.62 -4.39
CA ARG A 57 21.77 -0.40 -4.94
C ARG A 57 22.13 0.81 -4.08
N LYS A 58 22.58 1.90 -4.73
CA LYS A 58 22.97 3.13 -4.05
C LYS A 58 21.96 4.26 -4.30
N PHE A 59 21.23 4.26 -5.45
CA PHE A 59 20.29 5.31 -5.79
C PHE A 59 19.00 5.16 -4.98
N LYS A 60 18.25 6.27 -4.85
CA LYS A 60 16.98 6.34 -4.14
C LYS A 60 16.06 7.35 -4.82
N VAL A 61 14.76 7.03 -4.91
CA VAL A 61 13.80 7.96 -5.51
C VAL A 61 13.08 8.63 -4.33
N THR A 62 13.11 9.98 -4.30
CA THR A 62 12.52 10.76 -3.21
C THR A 62 11.48 11.77 -3.72
N ALA A 63 10.65 12.25 -2.78
CA ALA A 63 9.60 13.26 -2.94
C ALA A 63 9.51 14.09 -1.66
N ASP A 64 9.33 15.42 -1.79
CA ASP A 64 9.26 16.31 -0.63
C ASP A 64 7.90 17.02 -0.60
N LEU A 65 7.18 16.90 0.52
CA LEU A 65 5.84 17.49 0.68
C LEU A 65 5.81 18.59 1.76
N THR A 66 6.97 18.91 2.38
CA THR A 66 7.10 19.90 3.47
C THR A 66 6.58 21.30 3.06
N ASP A 67 6.86 21.75 1.82
CA ASP A 67 6.43 23.06 1.32
C ASP A 67 4.91 23.12 1.14
N ALA A 68 4.31 22.06 0.59
CA ALA A 68 2.87 21.94 0.32
C ALA A 68 2.05 21.88 1.63
N GLY A 69 0.79 22.28 1.51
CA GLY A 69 -0.17 22.25 2.60
C GLY A 69 -1.21 21.18 2.36
N VAL A 70 -2.45 21.42 2.82
CA VAL A 70 -3.56 20.49 2.63
C VAL A 70 -4.04 20.57 1.16
N GLY A 71 -4.70 19.51 0.70
CA GLY A 71 -5.23 19.42 -0.65
C GLY A 71 -4.45 18.47 -1.54
N THR A 72 -5.03 18.17 -2.72
CA THR A 72 -4.44 17.26 -3.71
C THR A 72 -3.43 18.09 -4.57
N ILE A 73 -2.20 17.55 -4.75
CA ILE A 73 -1.10 18.18 -5.50
C ILE A 73 -0.23 17.10 -6.18
N GLU A 74 0.46 17.45 -7.30
CA GLU A 74 1.39 16.53 -7.96
C GLU A 74 2.80 17.06 -7.71
N VAL A 75 3.71 16.17 -7.25
CA VAL A 75 5.08 16.55 -6.89
C VAL A 75 6.11 15.79 -7.76
N PRO A 76 7.19 16.47 -8.20
CA PRO A 76 8.21 15.78 -9.02
C PRO A 76 9.10 14.90 -8.18
N LEU A 77 9.41 13.69 -8.69
CA LEU A 77 10.27 12.74 -8.00
C LEU A 77 11.75 13.05 -8.29
N SER A 78 12.63 12.86 -7.29
CA SER A 78 14.06 13.11 -7.45
C SER A 78 14.88 11.83 -7.29
N ILE A 79 15.91 11.67 -8.13
CA ILE A 79 16.83 10.52 -8.05
C ILE A 79 18.07 11.00 -7.30
N GLU A 80 18.29 10.48 -6.09
CA GLU A 80 19.42 10.86 -5.25
C GLU A 80 20.43 9.71 -5.14
N ASP A 81 21.72 10.06 -4.96
CA ASP A 81 22.88 9.17 -4.79
C ASP A 81 23.07 8.20 -5.98
N LEU A 82 22.72 8.64 -7.21
CA LEU A 82 22.92 7.83 -8.42
C LEU A 82 24.40 7.84 -8.80
N PRO A 83 25.06 6.68 -9.01
CA PRO A 83 26.48 6.67 -9.37
C PRO A 83 26.75 7.34 -10.71
N ASN A 84 27.94 7.94 -10.84
CA ASN A 84 28.40 8.65 -12.04
C ASN A 84 28.50 7.71 -13.23
N GLY A 85 28.19 8.26 -14.42
CA GLY A 85 28.20 7.51 -15.66
C GLY A 85 26.86 6.87 -15.99
N LEU A 86 25.84 7.13 -15.15
CA LEU A 86 24.49 6.61 -15.32
C LEU A 86 23.45 7.73 -15.42
N THR A 87 22.37 7.44 -16.17
CA THR A 87 21.20 8.30 -16.39
C THR A 87 19.98 7.55 -15.82
N ALA A 88 19.17 8.22 -14.98
CA ALA A 88 17.99 7.60 -14.37
C ALA A 88 16.74 8.44 -14.58
N VAL A 89 15.66 7.81 -15.04
CA VAL A 89 14.38 8.46 -15.26
C VAL A 89 13.31 7.59 -14.60
N ALA A 90 12.61 8.15 -13.59
CA ALA A 90 11.55 7.46 -12.86
C ALA A 90 10.28 7.36 -13.72
N THR A 91 9.55 6.24 -13.57
CA THR A 91 8.31 5.94 -14.29
C THR A 91 7.19 5.70 -13.24
N PRO A 92 6.30 6.68 -12.96
CA PRO A 92 6.18 8.02 -13.55
C PRO A 92 7.18 9.03 -12.93
N GLN A 93 7.39 10.17 -13.61
CA GLN A 93 8.31 11.24 -13.16
C GLN A 93 7.70 12.02 -12.00
N LYS A 94 6.36 12.14 -11.96
CA LYS A 94 5.61 12.85 -10.92
C LYS A 94 4.53 11.96 -10.32
N ILE A 95 4.23 12.15 -9.02
CA ILE A 95 3.18 11.39 -8.33
C ILE A 95 2.12 12.36 -7.81
N THR A 96 0.85 11.92 -7.76
CA THR A 96 -0.28 12.73 -7.28
C THR A 96 -0.54 12.35 -5.82
N VAL A 97 -0.46 13.33 -4.91
CA VAL A 97 -0.64 13.09 -3.48
C VAL A 97 -1.81 13.94 -2.94
N LYS A 98 -2.70 13.30 -2.17
CA LYS A 98 -3.82 13.94 -1.45
C LYS A 98 -3.39 14.16 -0.01
N ILE A 99 -2.94 15.38 0.31
CA ILE A 99 -2.48 15.73 1.65
C ILE A 99 -3.67 16.25 2.44
N GLY A 100 -4.02 15.53 3.51
CA GLY A 100 -5.11 15.88 4.40
C GLY A 100 -4.66 15.91 5.85
N LYS A 101 -5.38 16.63 6.72
CA LYS A 101 -5.05 16.72 8.13
C LYS A 101 -5.30 15.36 8.80
N LYS A 102 -4.28 14.85 9.51
CA LYS A 102 -4.31 13.56 10.20
C LYS A 102 -5.37 13.58 11.31
N ALA A 103 -6.43 12.76 11.14
CA ALA A 103 -7.53 12.66 12.09
C ALA A 103 -7.78 11.20 12.47
N GLN A 104 -8.25 10.95 13.70
CA GLN A 104 -8.52 9.57 14.12
C GLN A 104 -9.93 9.48 14.75
N LYS A 105 -10.53 8.29 14.66
CA LYS A 105 -11.84 7.96 15.21
C LYS A 105 -11.90 6.48 15.57
N ASP A 106 -12.54 6.15 16.70
CA ASP A 106 -12.69 4.76 17.12
C ASP A 106 -14.03 4.20 16.68
N LYS A 107 -14.03 2.96 16.16
CA LYS A 107 -15.25 2.28 15.74
C LYS A 107 -15.37 0.92 16.41
N VAL A 108 -16.61 0.55 16.74
CA VAL A 108 -16.99 -0.68 17.41
C VAL A 108 -17.73 -1.59 16.40
N LYS A 109 -18.28 -1.00 15.32
CA LYS A 109 -19.02 -1.71 14.26
C LYS A 109 -18.05 -2.52 13.39
N ILE A 110 -17.60 -3.68 13.94
CA ILE A 110 -16.66 -4.61 13.27
C ILE A 110 -17.49 -5.79 12.76
N VAL A 111 -17.55 -5.96 11.44
CA VAL A 111 -18.35 -6.98 10.76
C VAL A 111 -17.44 -8.04 10.11
N PRO A 112 -17.59 -9.33 10.44
CA PRO A 112 -16.79 -10.36 9.75
C PRO A 112 -17.35 -10.65 8.36
N GLU A 113 -16.47 -10.86 7.37
CA GLU A 113 -16.85 -11.13 5.97
C GLU A 113 -16.20 -12.41 5.46
N ILE A 114 -17.02 -13.35 4.96
CA ILE A 114 -16.60 -14.63 4.38
C ILE A 114 -17.39 -14.85 3.07
N ASP A 115 -16.67 -15.09 1.97
CA ASP A 115 -17.25 -15.35 0.64
C ASP A 115 -17.77 -16.80 0.58
N PRO A 116 -19.02 -17.06 0.11
CA PRO A 116 -19.54 -18.45 0.06
C PRO A 116 -18.63 -19.44 -0.69
N SER A 117 -17.72 -18.97 -1.56
CA SER A 117 -16.78 -19.84 -2.30
C SER A 117 -15.76 -20.48 -1.35
N GLN A 118 -15.41 -19.76 -0.26
CA GLN A 118 -14.47 -20.19 0.76
C GLN A 118 -15.09 -21.25 1.70
N ILE A 119 -16.44 -21.24 1.82
CA ILE A 119 -17.19 -22.20 2.66
C ILE A 119 -17.35 -23.51 1.88
N ASP A 120 -17.02 -24.65 2.52
CA ASP A 120 -17.15 -25.98 1.91
C ASP A 120 -18.63 -26.35 1.78
N SER A 121 -18.98 -27.14 0.75
CA SER A 121 -20.34 -27.57 0.46
C SER A 121 -20.91 -28.48 1.56
N ARG A 122 -20.06 -29.32 2.18
CA ARG A 122 -20.44 -30.26 3.24
C ARG A 122 -20.32 -29.63 4.65
N VAL A 123 -20.12 -28.30 4.73
CA VAL A 123 -19.95 -27.57 5.99
C VAL A 123 -20.95 -26.39 6.05
N GLN A 124 -21.55 -26.16 7.24
CA GLN A 124 -22.48 -25.06 7.54
C GLN A 124 -21.95 -24.25 8.73
N ILE A 125 -21.83 -22.92 8.58
CA ILE A 125 -21.29 -22.03 9.62
C ILE A 125 -22.37 -21.78 10.69
N GLU A 126 -21.98 -22.01 11.97
CA GLU A 126 -22.82 -21.84 13.16
C GLU A 126 -22.68 -20.43 13.74
N ASN A 127 -21.44 -20.01 14.08
CA ASN A 127 -21.14 -18.71 14.69
C ASN A 127 -19.77 -18.19 14.25
N VAL A 128 -19.65 -16.86 14.10
CA VAL A 128 -18.39 -16.20 13.76
C VAL A 128 -18.07 -15.17 14.85
N MSE A 129 -16.94 -15.38 15.55
CA MSE A 129 -16.45 -14.50 16.61
C MSE A 129 -15.26 -13.67 16.14
O MSE A 129 -14.41 -14.18 15.41
CB MSE A 129 -16.03 -15.33 17.85
CG MSE A 129 -17.20 -15.90 18.66
SE MSE A 129 -18.20 -14.57 19.71
CE MSE A 129 -16.79 -13.98 20.94
N VAL A 130 -15.21 -12.40 16.55
CA VAL A 130 -14.12 -11.47 16.25
C VAL A 130 -13.53 -11.06 17.62
N SER A 131 -12.21 -11.28 17.81
CA SER A 131 -11.51 -11.01 19.06
C SER A 131 -11.51 -9.54 19.46
N ASP A 132 -11.36 -8.62 18.49
CA ASP A 132 -11.36 -7.18 18.78
C ASP A 132 -12.76 -6.61 18.64
N LYS A 133 -13.20 -5.87 19.67
CA LYS A 133 -14.52 -5.25 19.77
C LYS A 133 -14.45 -3.73 19.51
N GLU A 134 -13.23 -3.15 19.57
CA GLU A 134 -12.98 -1.74 19.33
C GLU A 134 -11.70 -1.56 18.53
N VAL A 135 -11.72 -0.72 17.48
CA VAL A 135 -10.55 -0.44 16.65
C VAL A 135 -10.40 1.07 16.43
N SER A 136 -9.15 1.53 16.22
CA SER A 136 -8.82 2.91 15.94
C SER A 136 -8.48 3.08 14.47
N ILE A 137 -9.04 4.11 13.83
CA ILE A 137 -8.81 4.37 12.41
C ILE A 137 -8.14 5.73 12.26
N THR A 138 -7.04 5.77 11.49
CA THR A 138 -6.30 6.99 11.19
C THR A 138 -6.41 7.25 9.68
N SER A 139 -6.79 8.47 9.31
CA SER A 139 -6.96 8.93 7.92
C SER A 139 -7.17 10.45 7.90
N ASP A 140 -7.60 10.99 6.74
CA ASP A 140 -7.96 12.40 6.62
C ASP A 140 -9.42 12.54 7.11
N GLN A 141 -9.87 13.75 7.45
CA GLN A 141 -11.23 13.96 7.96
C GLN A 141 -12.30 13.62 6.90
N GLU A 142 -12.00 13.86 5.60
CA GLU A 142 -12.90 13.64 4.46
C GLU A 142 -13.30 12.16 4.33
N THR A 143 -12.31 11.25 4.27
CA THR A 143 -12.55 9.81 4.12
C THR A 143 -12.99 9.20 5.47
N LEU A 144 -12.59 9.81 6.61
CA LEU A 144 -12.95 9.33 7.95
C LEU A 144 -14.47 9.43 8.16
N ASP A 145 -15.10 10.52 7.68
CA ASP A 145 -16.54 10.75 7.74
C ASP A 145 -17.31 9.75 6.86
N ARG A 146 -16.67 9.27 5.79
CA ARG A 146 -17.25 8.34 4.82
C ARG A 146 -17.18 6.87 5.28
N ILE A 147 -16.56 6.59 6.43
CA ILE A 147 -16.47 5.22 6.94
C ILE A 147 -17.83 4.80 7.49
N ASP A 148 -18.34 3.66 7.00
CA ASP A 148 -19.62 3.08 7.40
C ASP A 148 -19.38 1.89 8.34
N LYS A 149 -18.59 0.90 7.89
CA LYS A 149 -18.29 -0.31 8.65
C LYS A 149 -16.82 -0.73 8.52
N ILE A 150 -16.31 -1.40 9.57
CA ILE A 150 -14.98 -2.01 9.62
C ILE A 150 -15.21 -3.49 9.37
N ILE A 151 -14.51 -4.08 8.39
CA ILE A 151 -14.74 -5.48 8.06
C ILE A 151 -13.51 -6.33 8.36
N ALA A 152 -13.75 -7.52 8.94
CA ALA A 152 -12.75 -8.52 9.24
C ALA A 152 -12.88 -9.63 8.19
N VAL A 153 -12.40 -9.32 6.99
CA VAL A 153 -12.50 -10.16 5.79
C VAL A 153 -11.47 -11.31 5.87
N LEU A 154 -11.95 -12.54 5.61
CA LEU A 154 -11.16 -13.78 5.57
C LEU A 154 -10.24 -13.76 4.34
N PRO A 155 -8.91 -14.04 4.48
CA PRO A 155 -8.02 -14.03 3.30
C PRO A 155 -8.51 -15.00 2.22
N THR A 156 -8.40 -14.55 0.94
CA THR A 156 -8.85 -15.26 -0.27
C THR A 156 -8.28 -16.70 -0.32
N SER A 157 -7.02 -16.89 0.11
CA SER A 157 -6.30 -18.16 0.13
C SER A 157 -6.87 -19.16 1.16
N GLU A 158 -7.56 -18.66 2.22
CA GLU A 158 -8.11 -19.50 3.30
C GLU A 158 -9.47 -20.09 2.91
N ARG A 159 -9.75 -21.30 3.44
CA ARG A 159 -10.99 -22.06 3.23
C ARG A 159 -11.60 -22.53 4.55
N ILE A 160 -12.94 -22.54 4.64
CA ILE A 160 -13.66 -23.01 5.83
C ILE A 160 -14.10 -24.46 5.55
N THR A 161 -13.36 -25.43 6.12
CA THR A 161 -13.62 -26.86 5.98
C THR A 161 -14.05 -27.46 7.34
N GLY A 162 -14.07 -26.60 8.35
CA GLY A 162 -14.44 -26.93 9.73
C GLY A 162 -14.23 -25.75 10.64
N ASN A 163 -14.06 -26.02 11.96
CA ASN A 163 -13.81 -24.97 12.94
C ASN A 163 -12.48 -24.28 12.63
N TYR A 164 -12.55 -22.97 12.32
CA TYR A 164 -11.39 -22.16 11.94
C TYR A 164 -11.06 -21.13 13.01
N SER A 165 -9.77 -20.85 13.16
CA SER A 165 -9.18 -19.85 14.04
C SER A 165 -7.92 -19.32 13.39
N GLY A 166 -7.89 -18.01 13.14
CA GLY A 166 -6.76 -17.36 12.49
C GLY A 166 -6.90 -15.86 12.35
N SER A 167 -5.77 -15.19 12.07
CA SER A 167 -5.70 -13.75 11.90
C SER A 167 -6.25 -13.34 10.55
N VAL A 168 -7.20 -12.38 10.56
CA VAL A 168 -7.84 -11.85 9.36
C VAL A 168 -7.61 -10.33 9.33
N PRO A 169 -7.27 -9.73 8.16
CA PRO A 169 -7.04 -8.28 8.13
C PRO A 169 -8.32 -7.46 8.30
N LEU A 170 -8.17 -6.23 8.81
CA LEU A 170 -9.27 -5.29 9.03
C LEU A 170 -9.23 -4.20 7.96
N GLN A 171 -10.39 -3.95 7.32
CA GLN A 171 -10.57 -2.94 6.27
C GLN A 171 -11.71 -1.98 6.59
N ALA A 172 -11.55 -0.70 6.22
CA ALA A 172 -12.56 0.35 6.41
C ALA A 172 -13.30 0.58 5.10
N ILE A 173 -14.63 0.33 5.10
CA ILE A 173 -15.42 0.48 3.87
C ILE A 173 -16.57 1.50 4.10
N ASP A 174 -17.09 2.06 2.97
CA ASP A 174 -18.21 3.00 2.97
C ASP A 174 -19.52 2.25 2.72
N ARG A 175 -20.66 2.98 2.67
CA ARG A 175 -22.02 2.46 2.45
C ARG A 175 -22.12 1.59 1.18
N ASN A 176 -21.29 1.87 0.16
CA ASN A 176 -21.27 1.16 -1.12
C ASN A 176 -20.27 -0.02 -1.12
N GLY A 177 -19.53 -0.19 -0.02
CA GLY A 177 -18.57 -1.26 0.17
C GLY A 177 -17.19 -1.04 -0.40
N VAL A 178 -16.79 0.24 -0.59
CA VAL A 178 -15.48 0.62 -1.14
C VAL A 178 -14.45 0.70 0.00
N VAL A 179 -13.30 0.01 -0.17
CA VAL A 179 -12.18 0.01 0.79
C VAL A 179 -11.54 1.42 0.71
N LEU A 180 -11.64 2.16 1.82
CA LEU A 180 -11.17 3.55 1.92
C LEU A 180 -9.70 3.65 2.37
N PRO A 181 -8.94 4.67 1.89
CA PRO A 181 -7.53 4.81 2.33
C PRO A 181 -7.45 5.26 3.79
N ALA A 182 -7.25 4.29 4.69
CA ALA A 182 -7.18 4.50 6.13
C ALA A 182 -6.29 3.45 6.80
N VAL A 183 -5.65 3.83 7.92
CA VAL A 183 -4.76 2.98 8.72
C VAL A 183 -5.54 2.54 9.97
N ILE A 184 -5.75 1.23 10.12
CA ILE A 184 -6.53 0.69 11.25
C ILE A 184 -5.58 0.08 12.27
N THR A 185 -5.86 0.32 13.57
CA THR A 185 -5.08 -0.21 14.69
C THR A 185 -6.05 -0.90 15.67
N PRO A 186 -5.95 -2.23 15.90
CA PRO A 186 -4.99 -3.18 15.30
C PRO A 186 -5.23 -3.36 13.81
N PHE A 187 -4.17 -3.72 13.05
CA PHE A 187 -4.25 -3.90 11.60
C PHE A 187 -5.01 -5.20 11.25
N ASP A 188 -5.07 -6.16 12.19
CA ASP A 188 -5.78 -7.43 12.00
C ASP A 188 -6.41 -7.87 13.34
N THR A 189 -7.19 -8.97 13.29
CA THR A 189 -7.89 -9.54 14.45
C THR A 189 -8.00 -11.06 14.30
N ILE A 190 -8.23 -11.78 15.41
CA ILE A 190 -8.39 -13.23 15.37
C ILE A 190 -9.87 -13.53 15.14
N MSE A 191 -10.17 -14.27 14.06
CA MSE A 191 -11.53 -14.70 13.69
C MSE A 191 -11.71 -16.17 14.07
O MSE A 191 -10.88 -17.00 13.68
CB MSE A 191 -11.79 -14.46 12.20
CG MSE A 191 -13.25 -14.70 11.78
SE MSE A 191 -13.57 -14.60 9.85
CE MSE A 191 -12.62 -16.14 9.33
N LYS A 192 -12.78 -16.49 14.81
CA LYS A 192 -13.10 -17.85 15.21
C LYS A 192 -14.42 -18.27 14.59
N VAL A 193 -14.39 -19.31 13.75
CA VAL A 193 -15.58 -19.81 13.05
C VAL A 193 -16.00 -21.15 13.64
N THR A 194 -17.24 -21.23 14.15
CA THR A 194 -17.86 -22.44 14.69
C THR A 194 -18.68 -23.04 13.54
N THR A 195 -18.52 -24.35 13.28
CA THR A 195 -19.22 -24.97 12.16
C THR A 195 -19.94 -26.27 12.56
N LYS A 196 -21.05 -26.55 11.85
CA LYS A 196 -21.88 -27.75 11.97
C LYS A 196 -21.81 -28.52 10.65
N PRO A 197 -21.56 -29.85 10.65
CA PRO A 197 -21.46 -30.59 9.38
C PRO A 197 -22.86 -30.99 8.87
N VAL A 198 -23.37 -30.23 7.89
CA VAL A 198 -24.66 -30.33 7.17
C VAL A 198 -25.52 -31.50 7.67
C1 PEG B . -2.34 4.02 -7.09
O1 PEG B . -2.68 2.72 -6.59
C2 PEG B . -3.55 4.88 -7.32
O2 PEG B . -4.25 5.09 -6.11
C3 PEG B . -5.17 6.17 -6.20
C4 PEG B . -6.39 5.88 -5.38
O4 PEG B . -6.11 5.69 -4.01
C1 PEG C . 6.88 20.02 9.74
O1 PEG C . 6.96 20.46 11.08
C2 PEG C . 6.24 21.04 8.85
O2 PEG C . 4.93 21.32 9.31
C3 PEG C . 4.47 22.60 8.89
C4 PEG C . 3.15 22.90 9.50
O4 PEG C . 3.20 22.90 10.91
S SO4 D . 30.60 -4.69 -23.72
O1 SO4 D . 30.17 -5.85 -22.94
O2 SO4 D . 32.06 -4.67 -23.80
O3 SO4 D . 30.05 -4.76 -25.07
O4 SO4 D . 30.14 -3.46 -23.06
#